data_1ZCI
#
_entry.id   1ZCI
#
_cell.length_a   50.437
_cell.length_b   31.762
_cell.length_c   87.287
_cell.angle_alpha   90.00
_cell.angle_beta   104.78
_cell.angle_gamma   90.00
#
_symmetry.space_group_name_H-M   'P 1 2 1'
#
loop_
_entity.id
_entity.type
_entity.pdbx_description
1 polymer "5'-R(*CP*(5BU)P*UP*GP*CP*UP*GP*AP*AP*GP*UP*GP*CP*AP*CP*AP*CP*AP*GP*CP*AP*AP*G)-3'"
2 non-polymer 'POTASSIUM ION'
3 water water
#
_entity_poly.entity_id   1
_entity_poly.type   'polyribonucleotide'
_entity_poly.pdbx_seq_one_letter_code
;C(5BU)UGCUGAAGUGCACACAGCAAG
;
_entity_poly.pdbx_strand_id   A,B,C,D
#